data_6U94
#
_entry.id   6U94
#
_cell.length_a   93.440
_cell.length_b   93.440
_cell.length_c   370.790
_cell.angle_alpha   90.000
_cell.angle_beta   90.000
_cell.angle_gamma   120.000
#
_symmetry.space_group_name_H-M   'H 3 2'
#
loop_
_entity.id
_entity.type
_entity.pdbx_description
1 polymer 'RND efflux system, outer membrane lipoprotein, NodT family'
2 non-polymer GLYCEROL
3 water water
#
_entity_poly.entity_id   1
_entity_poly.type   'polypeptide(L)'
_entity_poly.pdbx_seq_one_letter_code
;MAHHHHHHEPAYQRPDAPMPSAYPNGPAYATPGAPRANPGEPAAAELGWRNFLADAQLQQLVALALANNRDLRVATLDID
EARALYRIQRAAQFPAIDASVGLTSQRMSPALRAPGQSAAINSYDASVGLTHFEIDLFGRVRSLSHAAQEQYLATEEARR
SVHISLVAEVANTYLTLLADRALLALAQDTLRSQQDAADMIHRGKQAGAMAQLDEHRADTQVQTARVAAEQYTRQIAQDE
NALAVLIGGPLPAGVSRAAPLGDRALLAEFPAGLPSTLLERRPDIMAAEHRLIAANAQIGAARAAFFPRITLTGALGVAS
ASLAGLFSGGVAWLFVPQLTLPIFNAGSNQANLDLATVRRDINVAGYEHTIQDAFREVADNLAARATYEREVKAQEAMIR
DLAETKRLADMRFRNGVDDYFGVFDAQRQLFAAQQLLVTYKLAGLTSRVTLYKALGGGWVESAGAAAAQPRTGQAAPMAR
PAATPPQTTRPAPVARSQTVPPRTVQPPIAQPATAQPQTAQAAPVAQSQTIPLRTVQPPIAQSSTSQPQTAQAAPITQAR
TTPLRTAQPPAARQQAPQSAPAAQPEAVPPQTAQPPIFQP
;
_entity_poly.pdbx_strand_id   A
#
loop_
_chem_comp.id
_chem_comp.type
_chem_comp.name
_chem_comp.formula
GOL non-polymer GLYCEROL 'C3 H8 O3'
#
# COMPACT_ATOMS: atom_id res chain seq x y z
N GLU A 46 9.54 -21.73 -0.90
CA GLU A 46 8.53 -21.04 -1.70
C GLU A 46 8.68 -19.52 -1.60
N LEU A 47 7.64 -18.87 -1.09
CA LEU A 47 7.59 -17.42 -0.99
C LEU A 47 7.84 -17.01 0.46
N GLY A 48 8.69 -16.01 0.65
CA GLY A 48 9.06 -15.54 1.97
C GLY A 48 8.33 -14.27 2.35
N TRP A 49 7.63 -14.34 3.49
CA TRP A 49 6.89 -13.18 4.00
C TRP A 49 6.97 -13.03 5.51
N ARG A 50 7.39 -14.05 6.26
CA ARG A 50 7.41 -13.95 7.71
C ARG A 50 8.44 -12.94 8.21
N ASN A 51 9.47 -12.65 7.43
CA ASN A 51 10.41 -11.62 7.87
CA ASN A 51 10.44 -11.61 7.80
C ASN A 51 9.85 -10.22 7.68
N PHE A 52 8.84 -10.05 6.82
CA PHE A 52 8.24 -8.75 6.58
C PHE A 52 7.01 -8.51 7.45
N LEU A 53 6.11 -9.49 7.49
CA LEU A 53 4.93 -9.40 8.35
C LEU A 53 5.32 -9.88 9.74
N ALA A 54 5.51 -8.93 10.66
CA ALA A 54 6.03 -9.25 11.99
C ALA A 54 4.93 -9.56 13.00
N ASP A 55 3.74 -9.00 12.83
CA ASP A 55 2.66 -9.19 13.80
C ASP A 55 2.19 -10.64 13.78
N ALA A 56 2.08 -11.23 14.99
CA ALA A 56 1.72 -12.64 15.09
C ALA A 56 0.33 -12.90 14.53
N GLN A 57 -0.63 -12.03 14.85
CA GLN A 57 -1.99 -12.20 14.34
C GLN A 57 -2.01 -12.08 12.82
N LEU A 58 -1.29 -11.10 12.27
CA LEU A 58 -1.20 -10.95 10.82
C LEU A 58 -0.56 -12.19 10.19
N GLN A 59 0.47 -12.74 10.83
CA GLN A 59 1.09 -13.96 10.31
C GLN A 59 0.10 -15.11 10.26
N GLN A 60 -0.80 -15.17 11.24
CA GLN A 60 -1.78 -16.25 11.28
C GLN A 60 -2.75 -16.14 10.12
N LEU A 61 -3.20 -14.92 9.80
CA LEU A 61 -4.16 -14.73 8.72
C LEU A 61 -3.57 -15.11 7.37
N VAL A 62 -2.32 -14.72 7.12
CA VAL A 62 -1.67 -15.03 5.86
C VAL A 62 -1.49 -16.54 5.70
N ALA A 63 -1.11 -17.22 6.78
CA ALA A 63 -0.92 -18.67 6.71
C ALA A 63 -2.22 -19.38 6.39
N LEU A 64 -3.34 -18.89 6.93
CA LEU A 64 -4.63 -19.50 6.62
C LEU A 64 -5.03 -19.23 5.17
N ALA A 65 -4.73 -18.03 4.67
CA ALA A 65 -5.04 -17.72 3.28
C ALA A 65 -4.23 -18.60 2.33
N LEU A 66 -2.97 -18.87 2.67
CA LEU A 66 -2.15 -19.74 1.84
C LEU A 66 -2.58 -21.19 1.97
N ALA A 67 -2.91 -21.63 3.19
CA ALA A 67 -3.27 -23.02 3.43
C ALA A 67 -4.65 -23.38 2.90
N ASN A 68 -5.41 -22.42 2.38
CA ASN A 68 -6.73 -22.71 1.83
C ASN A 68 -6.60 -23.65 0.64
N ASN A 69 -7.53 -24.60 0.54
CA ASN A 69 -7.46 -25.63 -0.47
C ASN A 69 -8.03 -25.19 -1.82
N ARG A 70 -8.43 -23.93 -1.96
CA ARG A 70 -8.92 -23.45 -3.24
C ARG A 70 -7.80 -23.48 -4.28
N ASP A 71 -8.19 -23.55 -5.54
CA ASP A 71 -7.21 -23.46 -6.61
C ASP A 71 -6.90 -22.00 -6.91
N LEU A 72 -5.82 -21.77 -7.66
CA LEU A 72 -5.35 -20.40 -7.88
C LEU A 72 -6.36 -19.58 -8.67
N ARG A 73 -7.14 -20.23 -9.55
CA ARG A 73 -8.17 -19.49 -10.28
C ARG A 73 -9.22 -18.93 -9.33
N VAL A 74 -9.61 -19.71 -8.33
CA VAL A 74 -10.58 -19.24 -7.34
C VAL A 74 -9.93 -18.19 -6.43
N ALA A 75 -8.66 -18.40 -6.05
CA ALA A 75 -7.95 -17.40 -5.26
C ALA A 75 -7.91 -16.07 -5.99
N THR A 76 -7.69 -16.09 -7.31
CA THR A 76 -7.75 -14.87 -8.10
C THR A 76 -9.13 -14.23 -8.02
N LEU A 77 -10.18 -15.04 -8.04
CA LEU A 77 -11.54 -14.50 -7.92
C LEU A 77 -11.81 -13.96 -6.52
N ASP A 78 -11.18 -14.54 -5.49
CA ASP A 78 -11.41 -14.07 -4.13
C ASP A 78 -10.70 -12.74 -3.88
N ILE A 79 -9.47 -12.60 -4.39
CA ILE A 79 -8.77 -11.33 -4.28
C ILE A 79 -9.52 -10.24 -5.02
N ASP A 80 -10.11 -10.57 -6.16
CA ASP A 80 -10.89 -9.59 -6.91
C ASP A 80 -12.12 -9.17 -6.13
N GLU A 81 -12.82 -10.13 -5.51
CA GLU A 81 -14.02 -9.80 -4.74
C GLU A 81 -13.67 -8.99 -3.50
N ALA A 82 -12.59 -9.36 -2.81
CA ALA A 82 -12.22 -8.66 -1.58
C ALA A 82 -11.85 -7.22 -1.87
N ARG A 83 -11.04 -6.98 -2.90
CA ARG A 83 -10.64 -5.62 -3.25
C ARG A 83 -11.87 -4.76 -3.57
N ALA A 84 -12.84 -5.33 -4.27
CA ALA A 84 -14.06 -4.59 -4.58
C ALA A 84 -14.86 -4.27 -3.32
N LEU A 85 -14.73 -5.09 -2.28
CA LEU A 85 -15.50 -4.87 -1.07
C LEU A 85 -14.97 -3.67 -0.28
N TYR A 86 -13.64 -3.53 -0.17
CA TYR A 86 -13.06 -2.57 0.75
C TYR A 86 -12.06 -1.60 0.14
N ARG A 87 -11.63 -1.79 -1.11
CA ARG A 87 -10.49 -1.01 -1.58
C ARG A 87 -10.77 -0.21 -2.85
N ILE A 88 -11.38 -0.85 -3.85
CA ILE A 88 -11.52 -0.20 -5.16
C ILE A 88 -12.33 1.09 -5.05
N GLN A 89 -13.44 1.04 -4.31
CA GLN A 89 -14.31 2.21 -4.21
C GLN A 89 -13.85 3.23 -3.18
N ARG A 90 -12.93 2.88 -2.29
CA ARG A 90 -12.35 3.84 -1.36
C ARG A 90 -11.14 4.56 -1.94
N ALA A 91 -10.84 4.37 -3.23
CA ALA A 91 -9.81 5.13 -3.89
C ALA A 91 -10.22 6.58 -4.13
N ALA A 92 -11.43 6.97 -3.73
CA ALA A 92 -11.86 8.36 -3.91
C ALA A 92 -11.08 9.31 -3.01
N GLN A 93 -10.67 8.85 -1.83
CA GLN A 93 -9.88 9.67 -0.92
C GLN A 93 -8.39 9.41 -1.11
N ASP A 125 -10.31 3.25 -9.94
CA ASP A 125 -9.23 2.46 -10.53
C ASP A 125 -9.18 1.06 -9.93
N ALA A 126 -9.48 0.06 -10.76
CA ALA A 126 -9.51 -1.32 -10.29
C ALA A 126 -8.13 -1.87 -9.94
N SER A 127 -7.06 -1.23 -10.42
CA SER A 127 -5.70 -1.74 -10.26
C SER A 127 -4.93 -1.04 -9.15
N VAL A 128 -5.62 -0.35 -8.23
CA VAL A 128 -4.94 0.44 -7.22
C VAL A 128 -4.09 -0.46 -6.34
N GLY A 129 -2.83 -0.08 -6.14
CA GLY A 129 -1.94 -0.85 -5.31
C GLY A 129 -1.44 -2.15 -5.92
N LEU A 130 -1.50 -2.29 -7.25
CA LEU A 130 -1.03 -3.48 -7.93
C LEU A 130 0.23 -3.18 -8.72
N THR A 131 1.20 -4.09 -8.64
CA THR A 131 2.42 -3.96 -9.41
C THR A 131 2.18 -4.30 -10.87
N HIS A 132 3.22 -4.14 -11.69
CA HIS A 132 3.08 -4.40 -13.12
C HIS A 132 2.75 -5.86 -13.38
N PHE A 133 3.42 -6.79 -12.70
CA PHE A 133 3.19 -8.20 -13.00
C PHE A 133 1.83 -8.67 -12.49
N GLU A 134 1.33 -8.06 -11.40
CA GLU A 134 -0.04 -8.37 -10.98
C GLU A 134 -1.05 -7.90 -12.00
N ILE A 135 -0.87 -6.69 -12.54
CA ILE A 135 -1.76 -6.20 -13.58
C ILE A 135 -1.69 -7.10 -14.81
N ASP A 136 -0.50 -7.54 -15.19
CA ASP A 136 -0.35 -8.47 -16.29
C ASP A 136 -1.16 -9.74 -16.05
N LEU A 137 -0.98 -10.36 -14.89
CA LEU A 137 -1.64 -11.63 -14.59
C LEU A 137 -3.16 -11.49 -14.62
N PHE A 138 -3.71 -10.54 -13.86
CA PHE A 138 -5.16 -10.43 -13.74
C PHE A 138 -5.81 -10.11 -15.08
N GLY A 139 -5.13 -9.34 -15.94
CA GLY A 139 -5.66 -9.07 -17.25
C GLY A 139 -5.56 -10.25 -18.19
N ARG A 140 -4.50 -11.05 -18.05
CA ARG A 140 -4.34 -12.21 -18.92
C ARG A 140 -5.41 -13.26 -18.65
N VAL A 141 -5.65 -13.59 -17.39
CA VAL A 141 -6.61 -14.65 -17.08
C VAL A 141 -8.04 -14.20 -17.36
N ARG A 142 -8.31 -12.90 -17.27
CA ARG A 142 -9.66 -12.41 -17.57
C ARG A 142 -9.98 -12.60 -19.05
N SER A 143 -8.97 -12.60 -19.91
CA SER A 143 -9.16 -12.78 -21.34
C SER A 143 -9.23 -14.25 -21.76
N LEU A 144 -9.15 -15.19 -20.81
CA LEU A 144 -9.02 -16.60 -21.12
C LEU A 144 -10.19 -17.39 -20.55
N SER A 145 -10.41 -18.57 -21.15
CA SER A 145 -11.39 -19.50 -20.62
C SER A 145 -10.87 -20.13 -19.32
N HIS A 146 -11.75 -20.85 -18.63
CA HIS A 146 -11.38 -21.47 -17.37
C HIS A 146 -10.27 -22.49 -17.57
N ALA A 147 -10.38 -23.32 -18.61
CA ALA A 147 -9.33 -24.28 -18.92
C ALA A 147 -8.00 -23.59 -19.15
N ALA A 148 -8.00 -22.54 -19.99
CA ALA A 148 -6.77 -21.80 -20.25
C ALA A 148 -6.24 -21.13 -18.99
N GLN A 149 -7.14 -20.61 -18.14
CA GLN A 149 -6.71 -19.97 -16.91
C GLN A 149 -6.01 -20.97 -15.99
N GLU A 150 -6.61 -22.15 -15.80
CA GLU A 150 -6.00 -23.16 -14.94
C GLU A 150 -4.62 -23.58 -15.45
N GLN A 151 -4.44 -23.57 -16.77
CA GLN A 151 -3.14 -23.95 -17.34
C GLN A 151 -2.14 -22.81 -17.25
N TYR A 152 -2.57 -21.58 -17.54
CA TYR A 152 -1.68 -20.43 -17.41
C TYR A 152 -1.22 -20.26 -15.97
N LEU A 153 -2.10 -20.51 -15.01
CA LEU A 153 -1.80 -20.30 -13.59
C LEU A 153 -1.00 -21.44 -12.97
N ALA A 154 -0.73 -22.51 -13.72
CA ALA A 154 0.08 -23.60 -13.19
C ALA A 154 1.57 -23.32 -13.29
N THR A 155 1.98 -22.36 -14.12
CA THR A 155 3.39 -22.02 -14.24
C THR A 155 3.93 -21.42 -12.93
N GLU A 156 5.25 -21.52 -12.76
CA GLU A 156 5.86 -21.10 -11.51
C GLU A 156 5.74 -19.60 -11.31
N GLU A 157 5.92 -18.82 -12.37
CA GLU A 157 5.82 -17.37 -12.23
C GLU A 157 4.39 -16.94 -11.93
N ALA A 158 3.41 -17.59 -12.56
CA ALA A 158 2.02 -17.25 -12.29
C ALA A 158 1.63 -17.63 -10.87
N ARG A 159 2.11 -18.78 -10.38
CA ARG A 159 1.82 -19.17 -9.00
C ARG A 159 2.41 -18.19 -8.01
N ARG A 160 3.66 -17.76 -8.24
CA ARG A 160 4.28 -16.78 -7.35
C ARG A 160 3.56 -15.44 -7.39
N SER A 161 3.04 -15.06 -8.55
CA SER A 161 2.35 -13.77 -8.68
C SER A 161 1.06 -13.77 -7.88
N VAL A 162 0.33 -14.89 -7.87
CA VAL A 162 -0.92 -14.95 -7.12
C VAL A 162 -0.64 -15.03 -5.62
N HIS A 163 0.40 -15.78 -5.23
CA HIS A 163 0.79 -15.83 -3.83
C HIS A 163 1.20 -14.44 -3.32
N ILE A 164 1.97 -13.71 -4.11
CA ILE A 164 2.41 -12.37 -3.71
C ILE A 164 1.20 -11.46 -3.53
N SER A 165 0.27 -11.49 -4.49
CA SER A 165 -0.95 -10.69 -4.37
C SER A 165 -1.75 -11.08 -3.14
N LEU A 166 -1.92 -12.39 -2.91
CA LEU A 166 -2.73 -12.85 -1.79
C LEU A 166 -2.11 -12.46 -0.46
N VAL A 167 -0.80 -12.68 -0.30
CA VAL A 167 -0.10 -12.30 0.93
C VAL A 167 -0.26 -10.81 1.18
N ALA A 168 -0.05 -10.00 0.15
CA ALA A 168 -0.11 -8.55 0.31
C ALA A 168 -1.52 -8.07 0.57
N GLU A 169 -2.51 -8.66 -0.11
CA GLU A 169 -3.89 -8.20 0.06
C GLU A 169 -4.43 -8.55 1.44
N VAL A 170 -4.00 -9.68 2.01
CA VAL A 170 -4.38 -10.01 3.38
C VAL A 170 -3.79 -8.99 4.35
N ALA A 171 -2.53 -8.59 4.12
CA ALA A 171 -1.88 -7.65 5.02
C ALA A 171 -2.52 -6.27 4.93
N ASN A 172 -2.76 -5.78 3.70
CA ASN A 172 -3.35 -4.46 3.55
C ASN A 172 -4.77 -4.41 4.09
N THR A 173 -5.48 -5.54 4.06
CA THR A 173 -6.85 -5.56 4.56
C THR A 173 -6.90 -5.57 6.08
N TYR A 174 -6.01 -6.34 6.72
CA TYR A 174 -5.98 -6.36 8.18
C TYR A 174 -5.43 -5.06 8.73
N LEU A 175 -4.44 -4.46 8.05
CA LEU A 175 -3.95 -3.14 8.45
C LEU A 175 -5.04 -2.09 8.28
N THR A 176 -5.76 -2.13 7.15
CA THR A 176 -6.88 -1.21 6.95
C THR A 176 -7.95 -1.42 8.02
N LEU A 177 -8.15 -2.66 8.46
CA LEU A 177 -9.09 -2.93 9.54
C LEU A 177 -8.67 -2.21 10.82
N LEU A 178 -7.40 -2.37 11.22
CA LEU A 178 -6.92 -1.72 12.42
C LEU A 178 -6.96 -0.21 12.31
N ALA A 179 -6.80 0.33 11.09
CA ALA A 179 -6.90 1.77 10.90
C ALA A 179 -8.34 2.25 11.05
N ASP A 180 -9.29 1.51 10.46
CA ASP A 180 -10.69 1.90 10.56
C ASP A 180 -11.23 1.77 11.98
N ARG A 181 -10.65 0.90 12.81
CA ARG A 181 -11.02 0.85 14.21
C ARG A 181 -10.55 2.11 14.94
N ALA A 182 -9.29 2.49 14.71
CA ALA A 182 -8.79 3.73 15.30
C ALA A 182 -9.62 4.93 14.86
N LEU A 183 -10.04 4.95 13.60
CA LEU A 183 -10.90 6.02 13.12
C LEU A 183 -12.25 6.00 13.84
N LEU A 184 -12.82 4.81 14.03
CA LEU A 184 -14.08 4.72 14.74
C LEU A 184 -13.93 5.16 16.19
N ALA A 185 -12.85 4.74 16.85
CA ALA A 185 -12.62 5.13 18.24
C ALA A 185 -12.43 6.63 18.35
N LEU A 186 -11.72 7.24 17.39
CA LEU A 186 -11.55 8.69 17.39
C LEU A 186 -12.90 9.39 17.20
N ALA A 187 -13.71 8.89 16.27
CA ALA A 187 -15.02 9.50 16.03
C ALA A 187 -15.96 9.34 17.21
N GLN A 188 -15.80 8.26 17.99
CA GLN A 188 -16.65 8.06 19.15
C GLN A 188 -16.21 8.93 20.33
N ASP A 189 -14.90 9.08 20.53
CA ASP A 189 -14.42 10.00 21.55
C ASP A 189 -14.84 11.43 21.24
N THR A 190 -14.71 11.84 19.97
CA THR A 190 -15.18 13.16 19.56
C THR A 190 -16.68 13.30 19.80
N LEU A 191 -17.44 12.22 19.52
CA LEU A 191 -18.89 12.28 19.70
C LEU A 191 -19.26 12.51 21.17
N ARG A 192 -18.56 11.84 22.09
CA ARG A 192 -18.89 11.97 23.50
C ARG A 192 -18.50 13.34 24.05
N SER A 193 -17.35 13.86 23.63
CA SER A 193 -16.93 15.18 24.10
C SER A 193 -17.84 16.27 23.56
N GLN A 194 -18.28 16.15 22.30
CA GLN A 194 -19.13 17.17 21.72
C GLN A 194 -20.55 17.11 22.26
N GLN A 195 -21.00 15.94 22.72
CA GLN A 195 -22.30 15.87 23.37
C GLN A 195 -22.28 16.59 24.71
N ASP A 196 -21.16 16.50 25.44
CA ASP A 196 -21.03 17.24 26.68
C ASP A 196 -20.83 18.73 26.43
N ALA A 197 -20.19 19.08 25.31
CA ALA A 197 -20.07 20.49 24.93
C ALA A 197 -21.44 21.07 24.59
N ALA A 198 -22.26 20.30 23.86
CA ALA A 198 -23.60 20.78 23.53
C ALA A 198 -24.48 20.87 24.77
N ASP A 199 -24.23 20.01 25.77
CA ASP A 199 -25.00 20.10 27.01
C ASP A 199 -24.62 21.35 27.80
N MET A 200 -23.34 21.71 27.81
CA MET A 200 -22.89 22.87 28.58
C MET A 200 -23.40 24.17 27.95
N ILE A 201 -23.46 24.24 26.62
CA ILE A 201 -23.88 25.46 25.94
C ILE A 201 -25.36 25.71 26.18
N HIS A 202 -26.20 24.66 26.06
CA HIS A 202 -27.63 24.84 26.28
C HIS A 202 -27.94 25.18 27.71
N ARG A 203 -27.13 24.72 28.67
CA ARG A 203 -27.37 25.02 30.07
C ARG A 203 -27.26 26.51 30.35
N GLY A 204 -26.25 27.17 29.79
CA GLY A 204 -26.10 28.60 29.95
C GLY A 204 -26.95 29.38 28.98
N LYS A 205 -28.23 29.52 29.31
CA LYS A 205 -29.17 30.20 28.41
C LYS A 205 -28.79 31.67 28.24
N GLN A 206 -29.09 32.20 27.06
CA GLN A 206 -28.78 33.59 26.74
C GLN A 206 -29.74 34.08 25.68
N ALA A 207 -29.53 35.31 25.22
CA ALA A 207 -30.38 35.88 24.18
C ALA A 207 -30.14 35.16 22.85
N GLY A 208 -31.24 34.91 22.13
CA GLY A 208 -31.21 34.03 20.99
C GLY A 208 -30.48 34.57 19.77
N ALA A 209 -30.08 35.85 19.77
CA ALA A 209 -29.38 36.41 18.63
C ALA A 209 -28.10 35.64 18.34
N MET A 210 -27.32 35.35 19.38
CA MET A 210 -26.10 34.57 19.27
C MET A 210 -26.17 33.21 19.93
N ALA A 211 -26.90 33.08 21.04
CA ALA A 211 -26.98 31.80 21.73
C ALA A 211 -27.61 30.73 20.84
N GLN A 212 -28.63 31.09 20.09
CA GLN A 212 -29.22 30.14 19.14
C GLN A 212 -28.22 29.75 18.06
N LEU A 213 -27.31 30.66 17.69
CA LEU A 213 -26.26 30.33 16.75
C LEU A 213 -25.30 29.32 17.34
N ASP A 214 -24.90 29.50 18.60
CA ASP A 214 -24.01 28.55 19.25
C ASP A 214 -24.66 27.18 19.39
N GLU A 215 -25.98 27.14 19.58
CA GLU A 215 -26.67 25.86 19.72
C GLU A 215 -26.64 25.08 18.42
N HIS A 216 -26.87 25.76 17.28
CA HIS A 216 -26.82 25.07 16.00
C HIS A 216 -25.40 24.62 15.67
N ARG A 217 -24.40 25.44 16.03
CA ARG A 217 -23.01 25.05 15.82
C ARG A 217 -22.65 23.82 16.63
N ALA A 218 -22.97 23.85 17.93
CA ALA A 218 -22.67 22.71 18.79
C ALA A 218 -23.38 21.44 18.32
N ASP A 219 -24.56 21.58 17.73
CA ASP A 219 -25.28 20.42 17.22
C ASP A 219 -24.68 19.88 15.93
N THR A 220 -24.15 20.76 15.07
CA THR A 220 -23.49 20.29 13.86
C THR A 220 -22.09 19.78 14.12
N GLN A 221 -21.50 20.06 15.29
CA GLN A 221 -20.29 19.37 15.70
C GLN A 221 -20.61 17.92 16.05
N VAL A 222 -21.68 17.70 16.83
CA VAL A 222 -22.11 16.36 17.17
C VAL A 222 -22.58 15.61 15.92
N GLN A 223 -23.24 16.33 15.00
CA GLN A 223 -23.75 15.69 13.80
C GLN A 223 -22.62 15.17 12.91
N THR A 224 -21.55 15.96 12.75
CA THR A 224 -20.42 15.50 11.97
C THR A 224 -19.70 14.34 12.64
N ALA A 225 -19.66 14.33 13.98
CA ALA A 225 -19.03 13.22 14.68
C ALA A 225 -19.85 11.95 14.53
N ARG A 226 -21.18 12.06 14.65
CA ARG A 226 -22.04 10.88 14.51
C ARG A 226 -21.96 10.31 13.10
N VAL A 227 -21.94 11.18 12.08
CA VAL A 227 -21.88 10.71 10.70
C VAL A 227 -20.55 10.01 10.43
N ALA A 228 -19.44 10.58 10.93
CA ALA A 228 -18.15 9.94 10.75
C ALA A 228 -18.11 8.57 11.41
N ALA A 229 -18.67 8.46 12.63
CA ALA A 229 -18.69 7.19 13.32
C ALA A 229 -19.48 6.15 12.54
N GLU A 230 -20.56 6.57 11.88
CA GLU A 230 -21.36 5.64 11.07
C GLU A 230 -20.58 5.19 9.83
N GLN A 231 -19.83 6.11 9.21
CA GLN A 231 -19.04 5.75 8.05
C GLN A 231 -17.97 4.72 8.41
N TYR A 232 -17.31 4.91 9.55
CA TYR A 232 -16.23 4.03 9.95
C TYR A 232 -16.73 2.67 10.44
N THR A 233 -17.92 2.62 11.04
CA THR A 233 -18.51 1.34 11.38
C THR A 233 -18.80 0.52 10.13
N ARG A 234 -19.23 1.19 9.06
CA ARG A 234 -19.49 0.48 7.81
C ARG A 234 -18.18 0.04 7.14
N GLN A 235 -17.14 0.87 7.22
CA GLN A 235 -15.86 0.49 6.63
C GLN A 235 -15.23 -0.66 7.40
N ILE A 236 -15.42 -0.70 8.72
CA ILE A 236 -14.97 -1.84 9.51
C ILE A 236 -15.66 -3.11 9.03
N ALA A 237 -16.96 -3.02 8.73
CA ALA A 237 -17.70 -4.18 8.23
C ALA A 237 -17.13 -4.66 6.90
N GLN A 238 -16.82 -3.72 6.00
CA GLN A 238 -16.26 -4.10 4.71
C GLN A 238 -14.90 -4.77 4.87
N ASP A 239 -14.05 -4.23 5.75
CA ASP A 239 -12.74 -4.83 5.97
C ASP A 239 -12.87 -6.27 6.44
N GLU A 240 -13.78 -6.52 7.38
CA GLU A 240 -13.93 -7.88 7.91
C GLU A 240 -14.51 -8.83 6.87
N ASN A 241 -15.38 -8.33 5.99
CA ASN A 241 -15.89 -9.16 4.91
C ASN A 241 -14.77 -9.56 3.94
N ALA A 242 -14.01 -8.56 3.46
CA ALA A 242 -12.92 -8.85 2.54
C ALA A 242 -11.87 -9.75 3.18
N LEU A 243 -11.63 -9.55 4.48
CA LEU A 243 -10.66 -10.39 5.18
C LEU A 243 -11.13 -11.84 5.23
N ALA A 244 -12.42 -12.06 5.45
CA ALA A 244 -12.96 -13.42 5.44
C ALA A 244 -12.84 -14.05 4.06
N VAL A 245 -13.08 -13.26 3.00
CA VAL A 245 -12.93 -13.77 1.64
C VAL A 245 -11.48 -14.14 1.37
N LEU A 246 -10.55 -13.30 1.84
CA LEU A 246 -9.13 -13.50 1.51
C LEU A 246 -8.58 -14.75 2.19
N ILE A 247 -9.01 -15.06 3.40
CA ILE A 247 -8.54 -16.25 4.09
C ILE A 247 -9.40 -17.47 3.79
N GLY A 248 -10.53 -17.30 3.10
CA GLY A 248 -11.36 -18.42 2.72
C GLY A 248 -12.21 -19.01 3.81
N GLY A 249 -12.37 -18.33 4.93
CA GLY A 249 -13.17 -18.83 6.03
C GLY A 249 -13.43 -17.79 7.10
N PRO A 250 -14.10 -18.20 8.17
CA PRO A 250 -14.40 -17.26 9.26
C PRO A 250 -13.12 -16.74 9.91
N LEU A 251 -13.22 -15.54 10.48
CA LEU A 251 -12.07 -14.90 11.10
C LEU A 251 -11.79 -15.52 12.46
N PRO A 252 -10.52 -15.73 12.81
CA PRO A 252 -10.20 -16.24 14.14
C PRO A 252 -10.53 -15.24 15.24
N ALA A 253 -10.75 -15.78 16.44
CA ALA A 253 -11.15 -14.95 17.58
C ALA A 253 -10.05 -13.96 17.97
N GLY A 254 -8.81 -14.19 17.54
CA GLY A 254 -7.75 -13.24 17.85
C GLY A 254 -7.95 -11.89 17.18
N VAL A 255 -8.55 -11.88 15.99
CA VAL A 255 -8.83 -10.63 15.28
C VAL A 255 -9.76 -9.74 16.11
N SER A 256 -10.72 -10.36 16.81
CA SER A 256 -11.69 -9.59 17.56
C SER A 256 -11.04 -8.82 18.70
N ARG A 257 -10.02 -9.39 19.32
CA ARG A 257 -9.35 -8.80 20.47
C ARG A 257 -7.88 -8.53 20.11
N ALA A 258 -7.67 -7.60 19.19
CA ALA A 258 -6.33 -7.19 18.79
C ALA A 258 -6.04 -5.78 19.30
N ALA A 259 -4.78 -5.53 19.62
CA ALA A 259 -4.39 -4.23 20.16
C ALA A 259 -4.65 -3.13 19.13
N PRO A 260 -4.99 -1.93 19.58
CA PRO A 260 -5.24 -0.84 18.63
C PRO A 260 -4.00 -0.51 17.82
N LEU A 261 -4.22 0.09 16.65
CA LEU A 261 -3.14 0.44 15.75
C LEU A 261 -2.07 1.25 16.46
N GLY A 262 -2.45 2.44 16.96
CA GLY A 262 -1.58 3.27 17.78
C GLY A 262 -0.19 3.48 17.22
N ASP A 263 0.81 2.93 17.91
CA ASP A 263 2.20 3.03 17.48
C ASP A 263 2.91 1.68 17.39
N ARG A 264 2.21 0.59 17.68
CA ARG A 264 2.86 -0.72 17.65
C ARG A 264 3.24 -1.10 16.23
N ALA A 265 4.33 -1.85 16.11
CA ALA A 265 4.90 -2.22 14.81
C ALA A 265 4.34 -3.57 14.37
N LEU A 266 3.70 -3.58 13.20
CA LEU A 266 3.23 -4.81 12.60
C LEU A 266 4.05 -5.24 11.40
N LEU A 267 4.59 -4.30 10.63
CA LEU A 267 5.50 -4.59 9.54
C LEU A 267 6.94 -4.37 9.99
N ALA A 268 7.84 -5.17 9.45
CA ALA A 268 9.26 -4.95 9.67
C ALA A 268 9.79 -3.97 8.65
N GLU A 269 10.78 -3.18 9.07
CA GLU A 269 11.39 -2.21 8.17
C GLU A 269 12.28 -2.92 7.16
N PHE A 270 12.33 -2.35 5.96
CA PHE A 270 13.18 -2.92 4.92
C PHE A 270 14.64 -2.78 5.30
N PRO A 271 15.44 -3.85 5.19
CA PRO A 271 16.85 -3.76 5.54
C PRO A 271 17.58 -2.77 4.63
N ALA A 272 18.70 -2.27 5.14
CA ALA A 272 19.56 -1.41 4.32
C ALA A 272 20.36 -2.25 3.34
N GLY A 273 20.48 -1.75 2.11
CA GLY A 273 21.33 -2.38 1.12
C GLY A 273 20.75 -3.59 0.43
N LEU A 274 19.45 -3.60 0.15
CA LEU A 274 18.84 -4.73 -0.54
C LEU A 274 19.40 -4.84 -1.96
N PRO A 275 19.89 -6.01 -2.37
CA PRO A 275 20.46 -6.13 -3.71
C PRO A 275 19.38 -6.15 -4.79
N SER A 276 19.71 -5.55 -5.94
CA SER A 276 18.80 -5.53 -7.08
C SER A 276 18.52 -6.93 -7.63
N THR A 277 19.38 -7.91 -7.33
CA THR A 277 19.15 -9.27 -7.78
C THR A 277 17.88 -9.85 -7.18
N LEU A 278 17.34 -9.25 -6.13
CA LEU A 278 16.04 -9.66 -5.62
C LEU A 278 14.96 -9.56 -6.69
N LEU A 279 15.09 -8.61 -7.62
CA LEU A 279 14.10 -8.42 -8.67
C LEU A 279 14.10 -9.58 -9.67
N GLU A 280 15.09 -10.47 -9.63
CA GLU A 280 15.04 -11.66 -10.46
C GLU A 280 13.83 -12.53 -10.11
N ARG A 281 13.31 -12.42 -8.88
CA ARG A 281 12.16 -13.19 -8.44
C ARG A 281 10.83 -12.54 -8.80
N ARG A 282 10.84 -11.37 -9.44
CA ARG A 282 9.60 -10.77 -9.89
C ARG A 282 8.96 -11.67 -10.94
N PRO A 283 7.66 -11.96 -10.85
CA PRO A 283 7.03 -12.81 -11.87
C PRO A 283 7.15 -12.29 -13.30
N ASP A 284 7.23 -10.98 -13.51
CA ASP A 284 7.36 -10.48 -14.87
C ASP A 284 8.79 -10.59 -15.40
N ILE A 285 9.78 -10.66 -14.50
CA ILE A 285 11.15 -10.87 -14.97
C ILE A 285 11.42 -12.37 -15.15
N MET A 286 10.83 -13.22 -14.30
CA MET A 286 10.93 -14.67 -14.49
C MET A 286 10.37 -15.08 -15.84
N ALA A 287 9.18 -14.59 -16.18
CA ALA A 287 8.57 -14.92 -17.46
C ALA A 287 9.40 -14.37 -18.62
N ALA A 288 9.96 -13.17 -18.46
CA ALA A 288 10.77 -12.59 -19.52
C ALA A 288 12.06 -13.39 -19.74
N GLU A 289 12.68 -13.87 -18.65
CA GLU A 289 13.87 -14.70 -18.79
C GLU A 289 13.52 -16.07 -19.35
N HIS A 290 12.35 -16.60 -19.03
CA HIS A 290 11.91 -17.88 -19.58
CA HIS A 290 11.96 -17.89 -19.58
C HIS A 290 11.72 -17.79 -21.09
N ARG A 291 11.14 -16.68 -21.55
CA ARG A 291 10.95 -16.50 -23.00
C ARG A 291 12.28 -16.43 -23.73
N LEU A 292 13.30 -15.86 -23.10
CA LEU A 292 14.60 -15.77 -23.75
C LEU A 292 15.30 -17.11 -23.78
N ILE A 293 15.14 -17.92 -22.73
CA ILE A 293 15.73 -19.25 -22.72
C ILE A 293 15.15 -20.11 -23.84
N ALA A 294 13.83 -20.08 -23.99
CA ALA A 294 13.17 -20.83 -25.06
C ALA A 294 13.58 -20.32 -26.43
N ALA A 295 13.91 -19.03 -26.54
CA ALA A 295 14.39 -18.48 -27.80
C ALA A 295 15.90 -18.65 -27.99
N ASN A 296 16.54 -19.51 -27.19
CA ASN A 296 17.95 -19.88 -27.30
C ASN A 296 18.90 -18.75 -26.90
N ALA A 297 18.44 -17.77 -26.14
CA ALA A 297 19.34 -16.72 -25.69
C ALA A 297 20.06 -17.17 -24.42
N GLN A 298 21.23 -16.57 -24.17
CA GLN A 298 21.97 -16.78 -22.94
C GLN A 298 21.55 -15.70 -21.93
N ILE A 299 20.93 -16.14 -20.83
CA ILE A 299 20.38 -15.20 -19.86
C ILE A 299 21.48 -14.42 -19.16
N GLY A 300 22.60 -15.09 -18.88
CA GLY A 300 23.73 -14.39 -18.28
C GLY A 300 24.18 -13.20 -19.11
N ALA A 301 24.29 -13.40 -20.43
CA ALA A 301 24.63 -12.29 -21.32
C ALA A 301 23.57 -11.21 -21.26
N ALA A 302 22.30 -11.59 -21.13
CA ALA A 302 21.22 -10.61 -21.13
C ALA A 302 21.23 -9.81 -19.83
N ARG A 303 21.52 -10.46 -18.71
CA ARG A 303 21.63 -9.75 -17.44
C ARG A 303 22.80 -8.79 -17.47
N ALA A 304 23.94 -9.25 -17.99
CA ALA A 304 25.11 -8.36 -18.12
C ALA A 304 24.77 -7.14 -18.94
N ALA A 305 23.95 -7.29 -19.97
CA ALA A 305 23.64 -6.19 -20.86
C ALA A 305 22.59 -5.25 -20.29
N PHE A 306 21.57 -5.78 -19.60
CA PHE A 306 20.36 -5.00 -19.32
C PHE A 306 19.92 -4.97 -17.86
N PHE A 307 20.63 -5.63 -16.95
CA PHE A 307 20.17 -5.76 -15.57
C PHE A 307 21.16 -5.07 -14.64
N PRO A 308 20.83 -3.88 -14.11
CA PRO A 308 21.75 -3.19 -13.21
C PRO A 308 22.03 -4.02 -11.95
N ARG A 309 23.26 -3.91 -11.45
CA ARG A 309 23.65 -4.52 -10.19
C ARG A 309 23.98 -3.40 -9.21
N ILE A 310 22.97 -3.00 -8.43
CA ILE A 310 23.08 -1.93 -7.45
C ILE A 310 22.30 -2.33 -6.20
N THR A 311 22.56 -1.62 -5.11
CA THR A 311 21.68 -1.71 -3.95
C THR A 311 20.41 -0.93 -4.23
N LEU A 312 19.32 -1.35 -3.59
CA LEU A 312 18.04 -0.68 -3.78
C LEU A 312 17.64 0.23 -2.62
N THR A 313 18.12 -0.05 -1.41
CA THR A 313 17.71 0.71 -0.23
C THR A 313 18.92 1.22 0.52
N GLY A 314 18.72 2.33 1.23
CA GLY A 314 19.72 2.86 2.14
C GLY A 314 19.26 2.68 3.57
N ALA A 315 19.68 3.59 4.45
CA ALA A 315 19.35 3.49 5.86
C ALA A 315 17.84 3.61 6.07
N LEU A 316 17.32 2.79 6.98
CA LEU A 316 15.89 2.79 7.34
C LEU A 316 14.99 2.57 6.13
N GLY A 317 15.48 1.83 5.14
CA GLY A 317 14.64 1.48 4.00
C GLY A 317 14.27 2.65 3.11
N VAL A 318 15.10 3.68 3.05
CA VAL A 318 14.92 4.74 2.08
C VAL A 318 15.58 4.31 0.78
N ALA A 319 15.30 5.02 -0.30
CA ALA A 319 15.92 4.71 -1.59
C ALA A 319 17.43 4.93 -1.50
N SER A 320 18.21 3.96 -2.00
CA SER A 320 19.64 4.11 -2.01
C SER A 320 20.06 5.19 -3.01
N ALA A 321 21.26 5.73 -2.81
CA ALA A 321 21.79 6.72 -3.74
C ALA A 321 21.99 6.13 -5.13
N SER A 322 22.36 4.85 -5.22
CA SER A 322 22.51 4.21 -6.52
C SER A 322 21.19 4.20 -7.27
N LEU A 323 20.11 3.82 -6.60
CA LEU A 323 18.80 3.74 -7.25
C LEU A 323 18.30 5.12 -7.65
N ALA A 324 18.40 6.09 -6.74
CA ALA A 324 18.01 7.46 -7.07
C ALA A 324 18.88 8.03 -8.17
N GLY A 325 20.16 7.65 -8.22
CA GLY A 325 21.03 8.12 -9.28
C GLY A 325 20.64 7.62 -10.64
N LEU A 326 20.11 6.40 -10.73
CA LEU A 326 19.66 5.87 -12.01
C LEU A 326 18.57 6.74 -12.63
N PHE A 327 17.74 7.37 -11.80
CA PHE A 327 16.64 8.20 -12.27
C PHE A 327 16.87 9.69 -12.01
N SER A 328 18.12 10.09 -11.78
CA SER A 328 18.44 11.51 -11.65
C SER A 328 18.21 12.20 -12.99
N GLY A 329 17.57 13.37 -12.93
CA GLY A 329 17.16 14.05 -14.15
C GLY A 329 15.86 13.56 -14.75
N GLY A 330 15.26 12.51 -14.18
CA GLY A 330 13.97 12.06 -14.67
C GLY A 330 14.08 11.40 -16.02
N VAL A 331 13.06 11.65 -16.86
CA VAL A 331 12.86 11.04 -18.17
C VAL A 331 13.29 9.58 -18.16
N ALA A 332 13.98 9.14 -19.21
CA ALA A 332 14.52 7.80 -19.24
C ALA A 332 15.72 7.69 -18.30
N TRP A 333 15.92 6.49 -17.75
CA TRP A 333 16.92 6.31 -16.73
C TRP A 333 18.33 6.39 -17.33
N LEU A 334 19.33 6.41 -16.44
CA LEU A 334 20.72 6.62 -16.83
C LEU A 334 21.54 5.34 -16.85
N PHE A 335 20.90 4.16 -16.81
CA PHE A 335 21.63 2.92 -16.94
C PHE A 335 22.17 2.77 -18.35
N VAL A 336 23.43 2.36 -18.47
CA VAL A 336 24.06 2.21 -19.77
C VAL A 336 24.16 0.72 -20.12
N PRO A 337 23.30 0.22 -21.01
CA PRO A 337 23.49 -1.16 -21.50
C PRO A 337 24.71 -1.26 -22.40
N GLN A 338 25.43 -2.37 -22.25
CA GLN A 338 26.60 -2.66 -23.07
C GLN A 338 26.64 -4.15 -23.36
N LEU A 339 27.04 -4.50 -24.57
CA LEU A 339 27.11 -5.90 -25.00
C LEU A 339 28.54 -6.39 -24.87
N THR A 340 28.78 -7.29 -23.91
CA THR A 340 30.06 -7.95 -23.74
C THR A 340 29.97 -9.45 -23.90
N LEU A 341 28.80 -10.03 -23.73
CA LEU A 341 28.58 -11.43 -23.99
C LEU A 341 27.52 -11.58 -25.07
N PRO A 342 27.73 -12.49 -26.02
CA PRO A 342 26.70 -12.70 -27.06
C PRO A 342 25.41 -13.20 -26.43
N ILE A 343 24.32 -12.50 -26.73
CA ILE A 343 23.03 -12.92 -26.20
C ILE A 343 22.52 -14.15 -26.94
N PHE A 344 22.81 -14.26 -28.23
CA PHE A 344 22.34 -15.35 -29.05
C PHE A 344 23.52 -16.21 -29.52
N ASN A 345 23.31 -17.53 -29.52
CA ASN A 345 24.30 -18.43 -30.09
C ASN A 345 24.32 -18.36 -31.61
N ALA A 346 23.27 -17.83 -32.22
CA ALA A 346 23.16 -17.72 -33.67
C ALA A 346 23.53 -16.32 -34.13
N GLY A 347 23.62 -16.16 -35.44
CA GLY A 347 23.96 -14.89 -36.05
C GLY A 347 25.45 -14.59 -35.96
N SER A 348 25.87 -13.64 -36.79
CA SER A 348 27.27 -13.24 -36.82
C SER A 348 27.66 -12.57 -35.50
N ASN A 349 28.96 -12.56 -35.23
CA ASN A 349 29.45 -11.96 -34.00
C ASN A 349 29.28 -10.45 -34.00
N GLN A 350 29.32 -9.82 -35.18
CA GLN A 350 29.08 -8.38 -35.26
C GLN A 350 27.65 -8.05 -34.83
N ALA A 351 26.69 -8.88 -35.23
CA ALA A 351 25.30 -8.66 -34.83
C ALA A 351 25.12 -8.85 -33.32
N ASN A 352 25.91 -9.73 -32.70
CA ASN A 352 25.76 -9.98 -31.27
C ASN A 352 26.32 -8.84 -30.42
N LEU A 353 27.09 -7.94 -31.00
CA LEU A 353 27.72 -6.85 -30.25
C LEU A 353 27.17 -5.48 -30.61
N ASP A 354 26.08 -5.42 -31.37
CA ASP A 354 25.42 -4.18 -31.72
C ASP A 354 24.07 -4.12 -31.00
N LEU A 355 23.91 -3.13 -30.13
CA LEU A 355 22.68 -3.02 -29.35
C LEU A 355 21.46 -2.85 -30.24
N ALA A 356 21.58 -2.04 -31.30
CA ALA A 356 20.43 -1.75 -32.15
C ALA A 356 19.88 -3.01 -32.79
N THR A 357 20.76 -3.90 -33.25
CA THR A 357 20.31 -5.12 -33.91
C THR A 357 19.74 -6.11 -32.92
N VAL A 358 20.32 -6.19 -31.72
CA VAL A 358 19.82 -7.11 -30.71
C VAL A 358 18.46 -6.64 -30.18
N ARG A 359 18.19 -5.33 -30.23
CA ARG A 359 16.90 -4.84 -29.77
C ARG A 359 15.77 -5.13 -30.76
N ARG A 360 16.09 -5.49 -32.00
CA ARG A 360 15.04 -5.87 -32.94
C ARG A 360 14.43 -7.22 -32.62
N ASP A 361 15.06 -8.01 -31.75
CA ASP A 361 14.43 -9.23 -31.25
C ASP A 361 13.40 -8.86 -30.19
N ILE A 362 12.20 -9.43 -30.31
CA ILE A 362 11.09 -9.03 -29.46
C ILE A 362 11.31 -9.47 -28.02
N ASN A 363 11.97 -10.60 -27.80
CA ASN A 363 12.18 -11.09 -26.46
C ASN A 363 13.30 -10.34 -25.73
N VAL A 364 14.25 -9.78 -26.48
CA VAL A 364 15.30 -8.97 -25.85
C VAL A 364 14.76 -7.58 -25.51
N ALA A 365 14.03 -6.96 -26.44
CA ALA A 365 13.48 -5.63 -26.19
C ALA A 365 12.47 -5.66 -25.05
N GLY A 366 11.62 -6.69 -25.01
CA GLY A 366 10.67 -6.81 -23.91
C GLY A 366 11.37 -7.03 -22.58
N TYR A 367 12.44 -7.83 -22.59
CA TYR A 367 13.21 -8.05 -21.37
C TYR A 367 13.84 -6.76 -20.87
N GLU A 368 14.40 -5.96 -21.79
CA GLU A 368 15.01 -4.69 -21.40
C GLU A 368 13.99 -3.74 -20.79
N HIS A 369 12.81 -3.64 -21.41
CA HIS A 369 11.78 -2.73 -20.91
C HIS A 369 11.20 -3.23 -19.58
N THR A 370 11.04 -4.55 -19.44
CA THR A 370 10.51 -5.09 -18.20
C THR A 370 11.42 -4.79 -17.01
N ILE A 371 12.73 -4.70 -17.25
CA ILE A 371 13.65 -4.39 -16.17
C ILE A 371 13.60 -2.91 -15.81
N GLN A 372 13.51 -2.03 -16.82
CA GLN A 372 13.41 -0.61 -16.53
C GLN A 372 12.13 -0.29 -15.78
N ASP A 373 11.01 -0.90 -16.18
CA ASP A 373 9.76 -0.70 -15.48
C ASP A 373 9.81 -1.24 -14.06
N ALA A 374 10.52 -2.37 -13.86
CA ALA A 374 10.63 -2.92 -12.52
C ALA A 374 11.39 -2.01 -11.59
N PHE A 375 12.54 -1.49 -12.04
CA PHE A 375 13.33 -0.57 -11.22
C PHE A 375 12.56 0.72 -10.98
N ARG A 376 11.97 1.29 -12.03
CA ARG A 376 11.19 2.51 -11.87
C ARG A 376 10.05 2.31 -10.88
N GLU A 377 9.39 1.15 -10.94
CA GLU A 377 8.33 0.85 -9.99
C GLU A 377 8.84 0.80 -8.57
N VAL A 378 10.05 0.26 -8.38
CA VAL A 378 10.62 0.19 -7.04
C VAL A 378 10.96 1.58 -6.52
N ALA A 379 11.57 2.41 -7.38
CA ALA A 379 11.91 3.77 -6.97
C ALA A 379 10.65 4.58 -6.67
N ASP A 380 9.58 4.36 -7.45
CA ASP A 380 8.35 5.13 -7.26
C ASP A 380 7.69 4.81 -5.92
N ASN A 381 7.70 3.54 -5.51
CA ASN A 381 7.08 3.19 -4.25
C ASN A 381 7.91 3.65 -3.05
N LEU A 382 9.24 3.72 -3.22
CA LEU A 382 10.08 4.25 -2.17
C LEU A 382 9.85 5.74 -2.00
N ALA A 383 9.71 6.48 -3.11
CA ALA A 383 9.42 7.90 -3.02
C ALA A 383 8.02 8.14 -2.47
N ALA A 384 7.05 7.32 -2.91
CA ALA A 384 5.69 7.43 -2.39
C ALA A 384 5.68 7.29 -0.87
N ARG A 385 6.43 6.32 -0.35
CA ARG A 385 6.48 6.14 1.10
C ARG A 385 7.11 7.36 1.77
N ALA A 386 8.20 7.88 1.20
CA ALA A 386 8.85 9.05 1.78
C ALA A 386 7.89 10.25 1.80
N THR A 387 7.02 10.37 0.80
CA THR A 387 6.02 11.42 0.81
C THR A 387 5.02 11.21 1.93
N TYR A 388 4.56 9.98 2.13
CA TYR A 388 3.56 9.71 3.17
C TYR A 388 4.14 9.94 4.57
N GLU A 389 5.39 9.55 4.79
CA GLU A 389 6.00 9.79 6.10
C GLU A 389 6.21 11.27 6.34
N ARG A 390 6.44 12.04 5.28
CA ARG A 390 6.50 13.49 5.40
C ARG A 390 5.14 14.05 5.79
N GLU A 391 4.08 13.56 5.15
CA GLU A 391 2.73 14.05 5.46
C GLU A 391 2.32 13.71 6.89
N VAL A 392 2.74 12.55 7.38
CA VAL A 392 2.42 12.17 8.76
C VAL A 392 3.03 13.17 9.74
N LYS A 393 4.31 13.49 9.56
CA LYS A 393 4.97 14.43 10.46
C LYS A 393 4.36 15.82 10.36
N ALA A 394 4.01 16.24 9.14
CA ALA A 394 3.36 17.53 8.99
C ALA A 394 1.99 17.55 9.66
N GLN A 395 1.23 16.46 9.51
CA GLN A 395 -0.09 16.39 10.12
C GLN A 395 0.01 16.36 11.64
N GLU A 396 1.08 15.78 12.18
CA GLU A 396 1.23 15.72 13.63
C GLU A 396 1.54 17.08 14.22
N ALA A 397 2.40 17.86 13.55
CA ALA A 397 2.67 19.22 14.02
C ALA A 397 1.45 20.11 13.84
N MET A 398 0.64 19.85 12.81
CA MET A 398 -0.60 20.60 12.64
C MET A 398 -1.58 20.27 13.77
N ILE A 399 -1.71 18.99 14.11
CA ILE A 399 -2.55 18.59 15.23
C ILE A 399 -2.02 19.17 16.54
N ARG A 400 -0.70 19.36 16.63
CA ARG A 400 -0.13 19.93 17.84
C ARG A 400 -0.54 21.39 18.02
N ASP A 401 -0.59 22.15 16.91
CA ASP A 401 -0.98 23.55 17.00
C ASP A 401 -2.48 23.72 17.17
N LEU A 402 -3.27 22.91 16.47
CA LEU A 402 -4.72 22.99 16.61
C LEU A 402 -5.18 22.62 18.01
N ALA A 403 -4.51 21.63 18.63
CA ALA A 403 -4.84 21.27 20.00
C ALA A 403 -4.64 22.44 20.94
N GLU A 404 -3.52 23.15 20.78
CA GLU A 404 -3.25 24.30 21.63
C GLU A 404 -4.19 25.46 21.32
N THR A 405 -4.50 25.67 20.03
CA THR A 405 -5.45 26.71 19.66
C THR A 405 -6.80 26.47 20.30
N LYS A 406 -7.31 25.24 20.24
CA LYS A 406 -8.57 24.91 20.89
C LYS A 406 -8.49 25.12 22.40
N ARG A 407 -7.31 24.91 22.99
CA ARG A 407 -7.16 25.12 24.43
C ARG A 407 -7.23 26.61 24.78
N LEU A 408 -6.57 27.45 23.99
CA LEU A 408 -6.65 28.89 24.22
C LEU A 408 -8.02 29.44 23.84
N ALA A 409 -8.74 28.76 22.96
CA ALA A 409 -10.11 29.15 22.66
C ALA A 409 -11.05 28.75 23.79
N ASP A 410 -10.91 27.52 24.30
CA ASP A 410 -11.71 27.09 25.44
C ASP A 410 -11.51 28.01 26.64
N MET A 411 -10.30 28.52 26.82
CA MET A 411 -10.01 29.37 27.97
C MET A 411 -10.69 30.73 27.83
N ARG A 412 -10.61 31.33 26.64
CA ARG A 412 -11.23 32.64 26.46
C ARG A 412 -12.75 32.56 26.45
N PHE A 413 -13.31 31.41 26.06
CA PHE A 413 -14.76 31.26 26.09
C PHE A 413 -15.26 31.07 27.51
N ARG A 414 -14.54 30.28 28.31
CA ARG A 414 -14.95 30.05 29.70
C ARG A 414 -14.96 31.36 30.49
N ASN A 415 -13.98 32.23 30.24
CA ASN A 415 -13.97 33.53 30.89
C ASN A 415 -14.99 34.49 30.30
N GLY A 416 -15.27 34.35 29.00
CA GLY A 416 -16.18 35.24 28.30
C GLY A 416 -15.52 36.27 27.43
N VAL A 417 -14.19 36.24 27.28
CA VAL A 417 -13.50 37.25 26.51
C VAL A 417 -13.84 37.15 25.02
N ASP A 418 -14.09 35.93 24.53
CA ASP A 418 -14.42 35.71 23.13
C ASP A 418 -15.64 34.81 23.02
N ASP A 419 -16.22 34.78 21.82
CA ASP A 419 -17.42 33.99 21.57
C ASP A 419 -17.07 32.52 21.29
N TYR A 420 -18.11 31.69 21.23
CA TYR A 420 -17.90 30.26 21.07
C TYR A 420 -17.43 29.86 19.68
N PHE A 421 -17.49 30.76 18.69
CA PHE A 421 -17.10 30.40 17.34
C PHE A 421 -15.65 29.90 17.30
N GLY A 422 -14.78 30.47 18.13
CA GLY A 422 -13.38 30.07 18.11
C GLY A 422 -13.17 28.63 18.54
N VAL A 423 -13.92 28.18 19.56
CA VAL A 423 -13.87 26.77 19.95
C VAL A 423 -14.43 25.90 18.84
N PHE A 424 -15.55 26.33 18.24
CA PHE A 424 -16.17 25.56 17.17
C PHE A 424 -15.22 25.37 16.00
N ASP A 425 -14.61 26.46 15.53
CA ASP A 425 -13.74 26.38 14.35
C ASP A 425 -12.49 25.56 14.63
N ALA A 426 -11.91 25.70 15.82
CA ALA A 426 -10.69 24.97 16.14
C ALA A 426 -10.95 23.49 16.30
N GLN A 427 -12.05 23.12 16.99
CA GLN A 427 -12.37 21.71 17.18
C GLN A 427 -12.65 21.03 15.85
N ARG A 428 -13.38 21.70 14.96
CA ARG A 428 -13.72 21.12 13.66
C ARG A 428 -12.46 20.89 12.82
N GLN A 429 -11.49 21.81 12.90
CA GLN A 429 -10.23 21.60 12.20
C GLN A 429 -9.39 20.53 12.88
N LEU A 430 -9.45 20.43 14.21
CA LEU A 430 -8.68 19.42 14.91
C LEU A 430 -9.16 18.02 14.59
N PHE A 431 -10.48 17.81 14.63
CA PHE A 431 -11.04 16.49 14.35
C PHE A 431 -10.79 16.07 12.91
N ALA A 432 -10.80 17.03 11.98
CA ALA A 432 -10.48 16.70 10.59
C ALA A 432 -9.01 16.31 10.44
N ALA A 433 -8.13 17.00 11.18
CA ALA A 433 -6.70 16.69 11.08
C ALA A 433 -6.36 15.37 11.74
N GLN A 434 -7.08 15.00 12.80
CA GLN A 434 -6.81 13.73 13.47
C GLN A 434 -7.23 12.55 12.61
N GLN A 435 -8.32 12.70 11.86
CA GLN A 435 -8.72 11.66 10.92
C GLN A 435 -7.70 11.52 9.80
N LEU A 436 -7.22 12.63 9.26
CA LEU A 436 -6.23 12.58 8.18
C LEU A 436 -4.94 11.91 8.63
N LEU A 437 -4.58 12.06 9.91
CA LEU A 437 -3.34 11.44 10.38
C LEU A 437 -3.40 9.91 10.27
N VAL A 438 -4.55 9.33 10.62
CA VAL A 438 -4.69 7.88 10.54
C VAL A 438 -4.59 7.41 9.09
N THR A 439 -5.28 8.10 8.18
CA THR A 439 -5.24 7.72 6.77
C THR A 439 -3.84 7.83 6.19
N TYR A 440 -3.10 8.87 6.61
CA TYR A 440 -1.73 9.02 6.14
C TYR A 440 -0.81 7.95 6.72
N LYS A 441 -1.06 7.51 7.95
CA LYS A 441 -0.28 6.42 8.52
C LYS A 441 -0.55 5.13 7.76
N LEU A 442 -1.81 4.87 7.43
CA LEU A 442 -2.15 3.64 6.70
C LEU A 442 -1.55 3.65 5.31
N ALA A 443 -1.55 4.80 4.65
CA ALA A 443 -0.95 4.88 3.32
C ALA A 443 0.53 4.54 3.37
N GLY A 444 1.22 4.97 4.42
CA GLY A 444 2.62 4.59 4.59
C GLY A 444 2.80 3.09 4.73
N LEU A 445 1.92 2.45 5.52
CA LEU A 445 1.97 1.00 5.65
C LEU A 445 1.62 0.33 4.32
N THR A 446 0.56 0.80 3.66
CA THR A 446 0.15 0.24 2.39
C THR A 446 1.27 0.28 1.36
N SER A 447 2.02 1.39 1.32
CA SER A 447 3.08 1.52 0.34
C SER A 447 4.25 0.60 0.66
N ARG A 448 4.43 0.23 1.94
CA ARG A 448 5.45 -0.76 2.28
C ARG A 448 5.02 -2.15 1.81
N VAL A 449 3.72 -2.43 1.91
CA VAL A 449 3.18 -3.68 1.38
C VAL A 449 3.38 -3.75 -0.13
N THR A 450 3.14 -2.64 -0.82
CA THR A 450 3.31 -2.62 -2.27
C THR A 450 4.78 -2.77 -2.65
N LEU A 451 5.69 -2.17 -1.87
CA LEU A 451 7.11 -2.36 -2.13
C LEU A 451 7.54 -3.80 -1.89
N TYR A 452 6.92 -4.48 -0.92
CA TYR A 452 7.18 -5.91 -0.75
C TYR A 452 6.89 -6.69 -2.02
N LYS A 453 5.87 -6.28 -2.77
CA LYS A 453 5.52 -6.94 -4.02
C LYS A 453 6.48 -6.57 -5.14
N ALA A 454 6.75 -5.28 -5.31
CA ALA A 454 7.59 -4.81 -6.41
C ALA A 454 9.00 -5.38 -6.33
N LEU A 455 9.45 -5.80 -5.15
CA LEU A 455 10.74 -6.45 -5.01
C LEU A 455 10.73 -7.90 -5.47
N GLY A 456 9.56 -8.45 -5.79
CA GLY A 456 9.42 -9.85 -6.10
C GLY A 456 9.13 -10.72 -4.91
N GLY A 457 8.78 -10.15 -3.76
CA GLY A 457 8.50 -10.92 -2.57
C GLY A 457 9.46 -10.66 -1.43
N GLY A 458 9.67 -9.38 -1.11
CA GLY A 458 10.47 -9.04 0.05
C GLY A 458 11.94 -9.33 -0.16
N TRP A 459 12.58 -9.84 0.90
CA TRP A 459 14.01 -10.08 0.91
C TRP A 459 14.30 -11.41 1.59
N VAL A 460 15.48 -11.94 1.32
CA VAL A 460 15.91 -13.18 1.95
C VAL A 460 16.52 -12.87 3.32
N GLU A 461 16.40 -13.82 4.24
CA GLU A 461 16.88 -13.63 5.60
C GLU A 461 18.40 -13.46 5.63
C1 GOL B . 3.18 -11.92 -15.12
O1 GOL B . 4.01 -11.41 -16.12
C2 GOL B . 3.51 -13.43 -14.99
O2 GOL B . 2.56 -14.10 -14.23
C3 GOL B . 3.55 -13.95 -16.44
O3 GOL B . 3.67 -15.34 -16.38
C1 GOL C . 23.75 -7.62 1.53
O1 GOL C . 22.84 -8.63 1.26
C2 GOL C . 23.78 -6.68 0.31
O2 GOL C . 24.23 -5.41 0.63
C3 GOL C . 24.69 -7.38 -0.73
O3 GOL C . 24.59 -6.65 -1.90
C1 GOL D . -8.52 5.29 5.57
O1 GOL D . -9.46 6.31 5.68
C2 GOL D . -9.30 3.96 5.64
O2 GOL D . -9.10 3.31 6.85
C3 GOL D . -8.80 3.14 4.43
O3 GOL D . -9.73 3.32 3.43
#